data_6L30
#
_entry.id   6L30
#
_cell.length_a   106.959
_cell.length_b   130.579
_cell.length_c   131.773
_cell.angle_alpha   90.000
_cell.angle_beta   90.000
_cell.angle_gamma   90.000
#
_symmetry.space_group_name_H-M   'I 2 2 2'
#
_entity_poly.entity_id   1
_entity_poly.type   'polypeptide(L)'
_entity_poly.pdbx_seq_one_letter_code
;GHMGSSGGCTSMMNLVLCFTGFRKKEELVRLVTLVHHMGGVIRKDFNSKVTHLVANCTQGEKFRVAVSLGTPIMKPEWIY
KAWERRNEQDFYAAVDDFRNEFKVPPFQDCILSFLGFSDEEKTNMEEMTEMQGGKYLPLGDERCTHLVVEENIVKDLPFE
PSKKLYVVKQEWFWGSIQMDARAGETMYLYEKANTPELKKSVSMLSLNTPNSNRKRRRLKETLAQLSRETDVSPFPPRKR
PSAEHSLSIGSLLDISNTPESSINYGDTPKSCTKSSKSSTPVPSKQSARWQVAKELYQTESNYVNILATIIQLFQVPLEE
EGQRGGPILAPEEIKTIFGSIPDIFDVHTKIKDDLEDLIVNWDESKSIGDIFLKYSKDLVKTYPPFVNFFEMSKETIIKC
EKQKPRFHAFLKINQAKPECGRQSLVELLIRPVQRLPSVALLLNDLKKHTADENPDKSTLEKAIGSLKEVMTHINEDKRK
TEAQKQIFDVVYEVDGCPANLLSSHRSLVQRVETISLGEHPCDRGEQVTLFLFNDCLEIARKRHKVIGTFRSPHGQTRPP
ASLKHIHLMPLSQIKKVLDIRETEDCHNAFALLVRPPTEQANVLLSFQMTSDELPKENWLKMLCRHVANTICKADAENLI
YTADPESFEVNTKDMDSTLSRASRAIKKTSKKVTRAFSFSKTPKRALRRALMTSHGSVEGRHHHHHH
;
_entity_poly.pdbx_strand_id   A
#
# COMPACT_ATOMS: atom_id res chain seq x y z
N GLY A 7 -7.40 -21.03 43.85
CA GLY A 7 -7.17 -20.36 42.58
C GLY A 7 -6.73 -18.91 42.77
N GLY A 8 -5.86 -18.70 43.75
CA GLY A 8 -5.21 -17.42 44.02
C GLY A 8 -3.72 -17.62 44.16
N CYS A 9 -3.36 -18.83 44.59
CA CYS A 9 -2.01 -19.35 44.50
C CYS A 9 -1.65 -19.72 43.07
N THR A 10 -2.64 -19.87 42.18
CA THR A 10 -2.45 -20.03 40.75
C THR A 10 -2.68 -18.73 39.99
N SER A 11 -2.78 -17.62 40.71
CA SER A 11 -3.11 -16.35 40.06
C SER A 11 -1.93 -15.84 39.22
N MET A 12 -0.71 -16.28 39.54
CA MET A 12 0.48 -15.92 38.79
C MET A 12 1.27 -17.16 38.40
N MET A 13 0.58 -18.27 38.16
CA MET A 13 1.27 -19.53 38.01
C MET A 13 1.83 -19.64 36.60
N ASN A 14 3.01 -20.25 36.49
CA ASN A 14 3.80 -20.33 35.27
C ASN A 14 4.41 -19.00 34.84
N LEU A 15 4.39 -17.97 35.67
CA LEU A 15 5.08 -16.72 35.35
C LEU A 15 6.49 -16.70 35.97
N VAL A 16 7.43 -16.12 35.23
CA VAL A 16 8.80 -15.94 35.68
C VAL A 16 9.11 -14.45 35.68
N LEU A 17 9.28 -13.88 36.87
CA LEU A 17 9.44 -12.44 37.02
C LEU A 17 10.88 -12.09 37.36
N CYS A 18 11.29 -10.93 36.87
CA CYS A 18 12.60 -10.35 37.14
C CYS A 18 12.40 -8.89 37.48
N PHE A 19 13.21 -8.36 38.39
CA PHE A 19 13.07 -6.97 38.83
C PHE A 19 14.28 -6.16 38.46
N THR A 20 14.07 -4.86 38.21
CA THR A 20 15.16 -3.95 37.94
C THR A 20 14.84 -2.59 38.56
N GLY A 21 15.85 -1.99 39.20
CA GLY A 21 15.71 -0.62 39.65
C GLY A 21 15.09 -0.41 41.01
N PHE A 22 15.10 -1.40 41.89
CA PHE A 22 14.54 -1.26 43.23
C PHE A 22 15.68 -1.06 44.21
N ARG A 23 15.85 0.18 44.68
CA ARG A 23 16.94 0.46 45.60
C ARG A 23 16.53 0.17 47.04
N LYS A 24 15.30 0.50 47.41
CA LYS A 24 14.79 0.25 48.75
C LYS A 24 14.43 -1.23 48.85
N LYS A 25 15.28 -1.99 49.53
CA LYS A 25 15.13 -3.44 49.59
C LYS A 25 13.87 -3.87 50.33
N GLU A 26 13.23 -2.97 51.08
CA GLU A 26 12.00 -3.36 51.78
C GLU A 26 10.81 -3.42 50.83
N GLU A 27 10.74 -2.50 49.87
CA GLU A 27 9.70 -2.57 48.85
C GLU A 27 9.81 -3.84 48.04
N LEU A 28 11.04 -4.20 47.65
CA LEU A 28 11.27 -5.38 46.82
C LEU A 28 10.79 -6.65 47.53
N VAL A 29 11.02 -6.74 48.84
CA VAL A 29 10.64 -7.93 49.59
C VAL A 29 9.12 -8.04 49.66
N ARG A 30 8.43 -6.91 49.77
CA ARG A 30 6.97 -6.96 49.74
C ARG A 30 6.49 -7.48 48.40
N LEU A 31 7.11 -7.03 47.31
CA LEU A 31 6.72 -7.49 45.99
C LEU A 31 7.03 -8.97 45.81
N VAL A 32 8.24 -9.40 46.19
CA VAL A 32 8.63 -10.80 46.05
C VAL A 32 7.68 -11.70 46.84
N THR A 33 7.31 -11.27 48.05
CA THR A 33 6.42 -12.08 48.87
C THR A 33 5.08 -12.31 48.18
N LEU A 34 4.47 -11.24 47.67
CA LEU A 34 3.17 -11.39 47.02
C LEU A 34 3.27 -12.26 45.77
N VAL A 35 4.39 -12.21 45.05
CA VAL A 35 4.51 -13.00 43.82
C VAL A 35 4.59 -14.48 44.15
N HIS A 36 5.44 -14.85 45.11
CA HIS A 36 5.53 -16.24 45.53
C HIS A 36 4.18 -16.77 46.00
N HIS A 37 3.42 -15.96 46.72
CA HIS A 37 2.12 -16.43 47.22
C HIS A 37 1.07 -16.54 46.13
N MET A 38 1.27 -15.86 45.00
CA MET A 38 0.39 -16.01 43.87
C MET A 38 0.92 -17.03 42.86
N GLY A 39 2.07 -17.64 43.14
CA GLY A 39 2.56 -18.76 42.39
C GLY A 39 3.60 -18.44 41.34
N GLY A 40 4.07 -17.21 41.28
CA GLY A 40 5.13 -16.89 40.37
C GLY A 40 6.47 -17.31 40.90
N VAL A 41 7.46 -17.24 40.02
CA VAL A 41 8.86 -17.44 40.40
C VAL A 41 9.64 -16.21 39.97
N ILE A 42 10.82 -16.07 40.57
CA ILE A 42 11.65 -14.89 40.42
C ILE A 42 13.08 -15.30 40.13
N ARG A 43 13.66 -14.68 39.10
CA ARG A 43 15.07 -14.80 38.77
C ARG A 43 15.80 -13.54 39.18
N LYS A 44 17.01 -13.70 39.71
CA LYS A 44 17.89 -12.54 39.90
C LYS A 44 18.27 -11.93 38.58
N ASP A 45 18.72 -12.76 37.62
CA ASP A 45 19.19 -12.29 36.34
C ASP A 45 18.19 -12.63 35.24
N PHE A 46 18.31 -11.91 34.13
CA PHE A 46 17.34 -11.92 33.05
C PHE A 46 17.76 -12.91 31.98
N ASN A 47 16.93 -13.92 31.74
CA ASN A 47 17.11 -14.86 30.64
C ASN A 47 15.87 -14.81 29.74
N SER A 48 15.87 -15.67 28.72
CA SER A 48 14.75 -15.69 27.78
C SER A 48 13.52 -16.32 28.38
N LYS A 49 13.61 -16.85 29.60
CA LYS A 49 12.50 -17.53 30.24
C LYS A 49 11.62 -16.60 31.07
N VAL A 50 12.11 -15.41 31.42
CA VAL A 50 11.28 -14.50 32.20
C VAL A 50 10.09 -14.06 31.35
N THR A 51 8.91 -14.09 31.95
CA THR A 51 7.71 -13.68 31.26
C THR A 51 7.40 -12.20 31.42
N HIS A 52 7.85 -11.59 32.52
CA HIS A 52 7.57 -10.19 32.78
C HIS A 52 8.73 -9.60 33.57
N LEU A 53 9.28 -8.50 33.09
CA LEU A 53 10.18 -7.69 33.88
C LEU A 53 9.36 -6.64 34.62
N VAL A 54 9.56 -6.54 35.93
CA VAL A 54 8.96 -5.48 36.74
C VAL A 54 9.99 -4.38 36.89
N ALA A 55 9.74 -3.22 36.29
CA ALA A 55 10.71 -2.15 36.22
C ALA A 55 10.29 -0.97 37.09
N ASN A 56 11.20 -0.57 37.97
CA ASN A 56 11.06 0.69 38.68
C ASN A 56 11.82 1.82 38.01
N CYS A 57 12.76 1.51 37.12
CA CYS A 57 13.49 2.50 36.35
C CYS A 57 13.65 2.00 34.93
N THR A 58 13.62 2.95 33.99
CA THR A 58 13.94 2.64 32.61
C THR A 58 15.45 2.68 32.46
N GLN A 59 15.89 2.21 31.30
CA GLN A 59 17.26 2.36 30.85
C GLN A 59 18.23 1.81 31.91
N GLY A 60 18.22 0.48 32.01
CA GLY A 60 19.34 -0.26 32.56
C GLY A 60 19.63 -1.47 31.67
N GLU A 61 20.50 -2.32 32.19
CA GLU A 61 20.91 -3.50 31.45
C GLU A 61 19.73 -4.45 31.26
N LYS A 62 19.11 -4.88 32.36
CA LYS A 62 17.92 -5.71 32.26
C LYS A 62 16.85 -5.03 31.40
N PHE A 63 16.67 -3.73 31.55
CA PHE A 63 15.61 -3.04 30.80
C PHE A 63 15.88 -3.10 29.31
N ARG A 64 17.10 -2.77 28.90
CA ARG A 64 17.43 -2.73 27.48
C ARG A 64 17.33 -4.10 26.84
N VAL A 65 17.76 -5.14 27.55
CA VAL A 65 17.65 -6.50 27.02
C VAL A 65 16.19 -6.90 26.87
N ALA A 66 15.37 -6.63 27.89
CA ALA A 66 13.95 -6.97 27.83
C ALA A 66 13.28 -6.29 26.64
N VAL A 67 13.68 -5.05 26.35
CA VAL A 67 13.11 -4.35 25.19
C VAL A 67 13.47 -5.10 23.90
N SER A 68 14.70 -5.61 23.82
CA SER A 68 15.12 -6.32 22.62
C SER A 68 14.31 -7.59 22.39
N LEU A 69 14.05 -8.36 23.45
CA LEU A 69 13.33 -9.62 23.32
C LEU A 69 11.83 -9.44 23.26
N GLY A 70 11.33 -8.20 23.32
CA GLY A 70 9.90 -7.98 23.36
C GLY A 70 9.21 -8.48 24.60
N THR A 71 9.98 -8.76 25.67
CA THR A 71 9.37 -9.28 26.90
C THR A 71 8.64 -8.15 27.63
N PRO A 72 7.46 -8.43 28.17
CA PRO A 72 6.66 -7.39 28.82
C PRO A 72 7.39 -6.72 29.98
N ILE A 73 7.17 -5.41 30.09
CA ILE A 73 7.80 -4.57 31.09
C ILE A 73 6.68 -3.93 31.91
N MET A 74 6.52 -4.39 33.14
CA MET A 74 5.39 -4.01 33.97
C MET A 74 5.81 -3.09 35.11
N LYS A 75 4.84 -2.31 35.58
CA LYS A 75 4.96 -1.46 36.75
C LYS A 75 4.76 -2.29 38.02
N PRO A 76 5.39 -1.90 39.13
CA PRO A 76 5.14 -2.61 40.40
C PRO A 76 3.68 -2.67 40.78
N GLU A 77 2.90 -1.66 40.39
CA GLU A 77 1.49 -1.64 40.74
C GLU A 77 0.75 -2.85 40.20
N TRP A 78 1.26 -3.47 39.14
CA TRP A 78 0.65 -4.67 38.59
C TRP A 78 0.55 -5.77 39.64
N ILE A 79 1.60 -5.98 40.42
CA ILE A 79 1.58 -7.00 41.46
C ILE A 79 0.52 -6.68 42.51
N TYR A 80 0.40 -5.41 42.90
CA TYR A 80 -0.51 -5.05 43.98
C TYR A 80 -1.96 -5.20 43.56
N LYS A 81 -2.32 -4.79 42.35
CA LYS A 81 -3.70 -4.93 41.92
C LYS A 81 -4.05 -6.40 41.71
N ALA A 82 -3.11 -7.17 41.15
CA ALA A 82 -3.33 -8.60 40.98
C ALA A 82 -3.56 -9.26 42.33
N TRP A 83 -2.79 -8.88 43.35
CA TRP A 83 -2.97 -9.42 44.68
C TRP A 83 -4.36 -9.09 45.21
N GLU A 84 -4.87 -7.90 44.89
CA GLU A 84 -6.20 -7.52 45.36
C GLU A 84 -7.29 -8.38 44.72
N ARG A 85 -7.20 -8.61 43.41
CA ARG A 85 -8.21 -9.36 42.67
C ARG A 85 -7.89 -10.85 42.54
N ARG A 86 -6.90 -11.35 43.28
CA ARG A 86 -6.36 -12.68 43.02
C ARG A 86 -7.34 -13.81 43.35
N ASN A 87 -8.39 -13.56 44.11
CA ASN A 87 -9.35 -14.60 44.49
C ASN A 87 -10.69 -14.46 43.78
N GLU A 88 -10.80 -13.53 42.84
CA GLU A 88 -11.93 -13.55 41.92
C GLU A 88 -11.88 -14.84 41.10
N GLN A 89 -13.07 -15.29 40.68
CA GLN A 89 -13.16 -16.56 39.96
C GLN A 89 -12.32 -16.52 38.69
N ASP A 90 -11.49 -17.54 38.52
CA ASP A 90 -10.68 -17.70 37.31
C ASP A 90 -9.79 -16.48 37.04
N PHE A 91 -9.31 -15.83 38.08
CA PHE A 91 -8.49 -14.63 37.88
C PHE A 91 -7.05 -15.01 37.57
N TYR A 92 -6.53 -14.45 36.49
CA TYR A 92 -5.18 -14.72 36.05
C TYR A 92 -4.51 -13.40 35.69
N ALA A 93 -3.39 -13.12 36.37
CA ALA A 93 -2.75 -11.80 36.32
C ALA A 93 -2.18 -11.45 34.96
N ALA A 94 -2.03 -12.41 34.05
CA ALA A 94 -1.34 -12.09 32.81
C ALA A 94 -2.28 -11.68 31.68
N VAL A 95 -3.59 -11.93 31.82
CA VAL A 95 -4.57 -11.54 30.81
C VAL A 95 -4.40 -10.07 30.45
N ASP A 96 -4.40 -9.79 29.14
CA ASP A 96 -4.02 -8.45 28.67
C ASP A 96 -4.98 -7.37 29.17
N ASP A 97 -6.28 -7.65 29.17
CA ASP A 97 -7.25 -6.61 29.50
C ASP A 97 -7.09 -6.11 30.95
N PHE A 98 -6.80 -7.02 31.88
CA PHE A 98 -6.45 -6.57 33.22
C PHE A 98 -5.05 -5.96 33.28
N ARG A 99 -4.14 -6.48 32.48
CA ARG A 99 -2.71 -6.19 32.61
C ARG A 99 -2.25 -5.00 31.78
N ASN A 100 -2.93 -4.72 30.65
CA ASN A 100 -2.51 -3.61 29.79
C ASN A 100 -2.41 -2.31 30.56
N GLU A 101 -3.33 -2.10 31.51
CA GLU A 101 -3.39 -0.86 32.29
C GLU A 101 -2.11 -0.62 33.09
N PHE A 102 -1.33 -1.66 33.37
CA PHE A 102 -0.17 -1.54 34.24
C PHE A 102 1.15 -1.70 33.49
N LYS A 103 1.14 -1.63 32.17
CA LYS A 103 2.40 -1.67 31.44
C LYS A 103 3.14 -0.34 31.57
N VAL A 104 4.45 -0.41 31.74
CA VAL A 104 5.26 0.81 31.60
C VAL A 104 4.97 1.44 30.24
N PRO A 105 4.63 2.72 30.17
CA PRO A 105 4.33 3.32 28.88
C PRO A 105 5.53 3.25 27.96
N PRO A 106 5.30 3.26 26.64
CA PRO A 106 6.42 3.06 25.69
C PRO A 106 7.51 4.10 25.80
N PHE A 107 7.17 5.39 25.84
CA PHE A 107 8.15 6.46 25.88
C PHE A 107 8.39 6.98 27.29
N GLN A 108 8.24 6.12 28.30
CA GLN A 108 8.52 6.50 29.67
C GLN A 108 9.98 6.92 29.82
N ASP A 109 10.19 8.10 30.39
CA ASP A 109 11.52 8.71 30.57
C ASP A 109 12.22 8.95 29.24
N CYS A 110 11.46 9.11 28.15
CA CYS A 110 12.02 9.36 26.83
C CYS A 110 11.75 10.81 26.43
N ILE A 111 12.80 11.49 25.98
CA ILE A 111 12.71 12.86 25.48
C ILE A 111 12.99 12.81 23.99
N LEU A 112 11.98 13.13 23.18
CA LEU A 112 12.05 12.94 21.73
C LEU A 112 12.21 14.28 21.02
N SER A 113 12.56 14.20 19.74
CA SER A 113 12.76 15.36 18.88
C SER A 113 12.58 14.92 17.44
N PHE A 114 11.90 15.75 16.65
CA PHE A 114 11.46 15.39 15.31
C PHE A 114 11.84 16.46 14.31
N LEU A 115 12.34 16.03 13.14
CA LEU A 115 12.57 16.93 12.03
C LEU A 115 12.34 16.17 10.73
N GLY A 116 11.94 16.89 9.70
CA GLY A 116 11.58 16.29 8.43
C GLY A 116 10.10 16.05 8.23
N PHE A 117 9.25 16.67 9.03
CA PHE A 117 7.81 16.47 8.97
C PHE A 117 7.12 17.83 8.97
N SER A 118 5.98 17.91 8.28
CA SER A 118 5.22 19.14 8.24
C SER A 118 4.70 19.49 9.64
N ASP A 119 4.32 20.76 9.80
CA ASP A 119 3.84 21.21 11.10
C ASP A 119 2.55 20.51 11.50
N GLU A 120 1.80 19.96 10.54
CA GLU A 120 0.65 19.14 10.85
C GLU A 120 1.02 17.70 11.16
N GLU A 121 2.06 17.18 10.50
CA GLU A 121 2.56 15.85 10.85
C GLU A 121 3.34 15.90 12.17
N LYS A 122 4.15 16.95 12.35
CA LYS A 122 4.91 17.08 13.59
C LYS A 122 3.98 17.26 14.78
N THR A 123 2.87 17.98 14.60
CA THR A 123 1.91 18.17 15.68
C THR A 123 1.37 16.84 16.16
N ASN A 124 1.01 15.95 15.23
CA ASN A 124 0.53 14.63 15.62
C ASN A 124 1.61 13.86 16.37
N MET A 125 2.83 13.82 15.82
CA MET A 125 3.91 13.06 16.43
C MET A 125 4.32 13.60 17.80
N GLU A 126 3.84 14.79 18.18
CA GLU A 126 4.07 15.30 19.52
C GLU A 126 2.88 15.07 20.45
N GLU A 127 1.65 15.12 19.92
CA GLU A 127 0.50 14.66 20.70
C GLU A 127 0.69 13.22 21.13
N MET A 128 1.05 12.35 20.17
CA MET A 128 1.18 10.93 20.46
C MET A 128 2.33 10.67 21.43
N THR A 129 3.42 11.45 21.32
CA THR A 129 4.55 11.27 22.22
C THR A 129 4.14 11.43 23.67
N GLU A 130 3.38 12.49 23.97
CA GLU A 130 2.85 12.66 25.33
C GLU A 130 1.73 11.68 25.60
N MET A 131 1.03 11.23 24.56
CA MET A 131 0.01 10.19 24.74
C MET A 131 0.66 8.87 25.17
N GLN A 132 1.91 8.64 24.78
CA GLN A 132 2.65 7.45 25.18
C GLN A 132 3.59 7.71 26.36
N GLY A 133 3.22 8.65 27.23
CA GLY A 133 3.99 8.88 28.44
C GLY A 133 5.34 9.53 28.25
N GLY A 134 5.66 10.02 27.05
CA GLY A 134 6.91 10.67 26.79
C GLY A 134 6.80 12.19 26.79
N LYS A 135 7.94 12.83 26.53
CA LYS A 135 8.00 14.28 26.40
C LYS A 135 8.91 14.62 25.23
N TYR A 136 8.67 15.80 24.63
CA TYR A 136 9.43 16.23 23.48
C TYR A 136 10.03 17.60 23.74
N LEU A 137 11.28 17.77 23.33
CA LEU A 137 12.02 19.02 23.43
C LEU A 137 12.37 19.53 22.05
N PRO A 138 12.55 20.84 21.88
CA PRO A 138 12.91 21.37 20.56
C PRO A 138 14.19 20.75 20.03
N LEU A 139 14.21 20.54 18.72
CA LEU A 139 15.31 19.86 18.05
C LEU A 139 16.66 20.44 18.45
N GLY A 140 17.65 19.55 18.61
CA GLY A 140 19.00 19.95 18.97
C GLY A 140 19.27 19.99 20.46
N ASP A 141 18.24 19.86 21.29
CA ASP A 141 18.41 20.05 22.72
C ASP A 141 19.36 19.01 23.31
N GLU A 142 20.15 19.44 24.30
CA GLU A 142 21.09 18.53 24.95
C GLU A 142 20.38 17.49 25.82
N ARG A 143 19.17 17.79 26.28
CA ARG A 143 18.42 16.89 27.16
C ARG A 143 17.55 15.89 26.40
N CYS A 144 17.91 15.55 25.16
CA CYS A 144 17.13 14.63 24.36
C CYS A 144 17.71 13.23 24.42
N THR A 145 16.83 12.23 24.47
CA THR A 145 17.25 10.84 24.45
C THR A 145 17.13 10.20 23.08
N HIS A 146 16.26 10.73 22.21
CA HIS A 146 16.01 10.12 20.92
C HIS A 146 15.80 11.20 19.86
N LEU A 147 16.34 10.97 18.67
CA LEU A 147 16.10 11.82 17.51
C LEU A 147 15.42 10.98 16.44
N VAL A 148 14.20 11.35 16.08
CA VAL A 148 13.40 10.61 15.12
C VAL A 148 13.18 11.49 13.89
N VAL A 149 13.43 10.92 12.72
CA VAL A 149 13.40 11.68 11.48
C VAL A 149 12.99 10.77 10.34
N GLU A 150 12.03 11.22 9.54
CA GLU A 150 11.78 10.52 8.30
C GLU A 150 12.98 10.81 7.43
N GLU A 151 13.99 9.95 7.47
CA GLU A 151 15.24 10.27 6.80
C GLU A 151 15.23 9.85 5.34
N ASN A 152 14.14 9.27 4.85
CA ASN A 152 14.03 9.14 3.40
C ASN A 152 14.10 10.53 2.75
N ILE A 153 13.89 11.59 3.52
CA ILE A 153 14.15 12.93 3.01
C ILE A 153 15.64 13.16 2.85
N VAL A 154 16.46 12.42 3.59
CA VAL A 154 17.90 12.64 3.53
C VAL A 154 18.41 12.54 2.11
N PRO A 158 22.73 17.01 9.36
CA PRO A 158 22.67 16.84 10.80
C PRO A 158 23.00 18.03 11.66
N PHE A 159 22.32 18.05 12.80
CA PHE A 159 22.63 18.81 13.98
C PHE A 159 22.61 17.84 15.15
N GLU A 160 22.79 18.35 16.38
CA GLU A 160 22.71 17.60 17.62
C GLU A 160 23.33 16.19 17.57
N PRO A 161 24.63 16.08 17.26
CA PRO A 161 25.25 14.75 17.28
C PRO A 161 25.70 14.34 18.67
N SER A 162 24.87 14.62 19.68
CA SER A 162 25.18 14.19 21.03
C SER A 162 25.34 12.68 21.08
N LYS A 163 26.30 12.21 21.88
CA LYS A 163 26.70 10.81 21.80
C LYS A 163 25.65 9.88 22.42
N LYS A 164 25.09 10.27 23.56
CA LYS A 164 24.16 9.37 24.24
C LYS A 164 22.83 9.24 23.48
N LEU A 165 22.39 10.29 22.79
CA LEU A 165 21.07 10.27 22.19
C LEU A 165 20.97 9.22 21.09
N TYR A 166 19.76 8.71 20.89
CA TYR A 166 19.49 7.71 19.87
C TYR A 166 18.99 8.41 18.61
N VAL A 167 19.69 8.24 17.50
CA VAL A 167 19.27 8.76 16.20
C VAL A 167 18.60 7.58 15.49
N VAL A 168 17.28 7.50 15.62
CA VAL A 168 16.56 6.32 15.16
C VAL A 168 15.72 6.67 13.95
N LYS A 169 15.49 5.66 13.10
CA LYS A 169 14.65 5.80 11.93
C LYS A 169 13.20 6.00 12.35
N GLN A 170 12.39 6.46 11.41
CA GLN A 170 10.98 6.74 11.68
C GLN A 170 10.25 5.49 12.18
N GLU A 171 10.73 4.30 11.80
CA GLU A 171 10.07 3.06 12.16
C GLU A 171 10.10 2.81 13.67
N TRP A 172 11.16 3.26 14.35
CA TRP A 172 11.23 3.09 15.80
C TRP A 172 10.06 3.78 16.48
N PHE A 173 9.66 4.94 15.96
CA PHE A 173 8.55 5.67 16.55
C PHE A 173 7.22 4.93 16.32
N TRP A 174 6.89 4.63 15.06
CA TRP A 174 5.63 3.96 14.77
C TRP A 174 5.60 2.55 15.35
N GLY A 175 6.74 1.85 15.30
CA GLY A 175 6.80 0.52 15.87
C GLY A 175 6.47 0.47 17.34
N SER A 176 6.79 1.54 18.08
CA SER A 176 6.51 1.57 19.51
C SER A 176 5.04 1.83 19.80
N ILE A 177 4.35 2.56 18.93
CA ILE A 177 2.93 2.83 19.14
C ILE A 177 2.10 1.61 18.77
N GLN A 178 2.47 0.90 17.70
CA GLN A 178 1.72 -0.28 17.28
C GLN A 178 1.81 -1.37 18.33
N MET A 179 3.04 -1.74 18.73
CA MET A 179 3.21 -2.77 19.74
C MET A 179 2.75 -2.34 21.12
N ASP A 180 2.54 -1.03 21.32
CA ASP A 180 2.20 -0.47 22.63
C ASP A 180 3.29 -0.79 23.64
N ALA A 181 4.54 -0.79 23.18
CA ALA A 181 5.69 -1.01 24.03
C ALA A 181 6.91 -0.42 23.35
N ARG A 182 7.87 0.01 24.16
CA ARG A 182 9.08 0.64 23.64
C ARG A 182 9.82 -0.32 22.71
N ALA A 183 10.01 0.11 21.46
CA ALA A 183 10.74 -0.71 20.52
C ALA A 183 12.24 -0.62 20.79
N GLY A 184 12.97 -1.65 20.36
CA GLY A 184 14.42 -1.65 20.50
C GLY A 184 15.07 -0.72 19.50
N GLU A 185 15.97 0.13 19.98
CA GLU A 185 16.52 1.20 19.13
C GLU A 185 17.52 0.66 18.12
N THR A 186 18.35 -0.32 18.51
CA THR A 186 19.54 -0.68 17.75
C THR A 186 19.24 -1.25 16.37
N MET A 187 17.98 -1.60 16.07
CA MET A 187 17.61 -2.05 14.74
C MET A 187 16.95 -0.94 13.92
N TYR A 188 16.96 0.29 14.41
CA TYR A 188 16.35 1.40 13.68
C TYR A 188 17.23 2.65 13.70
N LEU A 189 18.54 2.50 13.90
CA LEU A 189 19.42 3.61 14.16
C LEU A 189 19.87 4.29 12.87
N TYR A 190 20.81 5.22 13.01
CA TYR A 190 21.46 5.93 11.90
C TYR A 190 20.46 6.76 11.10
N SER A 287 1.68 -16.08 -34.85
CA SER A 287 1.71 -15.84 -33.42
C SER A 287 1.56 -14.35 -33.12
N ALA A 288 0.51 -13.74 -33.65
CA ALA A 288 0.22 -12.33 -33.39
C ALA A 288 -0.72 -12.16 -32.20
N ARG A 289 -1.81 -12.93 -32.15
CA ARG A 289 -2.64 -12.95 -30.95
C ARG A 289 -1.96 -13.67 -29.80
N TRP A 290 -0.89 -14.44 -30.08
CA TRP A 290 -0.09 -15.05 -29.04
C TRP A 290 0.61 -14.00 -28.18
N GLN A 291 0.97 -12.85 -28.78
CA GLN A 291 1.58 -11.77 -28.00
C GLN A 291 0.58 -11.18 -27.02
N VAL A 292 -0.70 -11.11 -27.39
CA VAL A 292 -1.73 -10.62 -26.47
C VAL A 292 -1.94 -11.60 -25.31
N ALA A 293 -1.64 -12.89 -25.51
CA ALA A 293 -1.90 -13.88 -24.48
C ALA A 293 -0.95 -13.73 -23.30
N LYS A 294 0.36 -13.79 -23.56
CA LYS A 294 1.33 -13.63 -22.48
C LYS A 294 1.20 -12.27 -21.81
N GLU A 295 0.72 -11.27 -22.55
CA GLU A 295 0.41 -9.98 -21.96
C GLU A 295 -0.70 -10.12 -20.93
N LEU A 296 -1.76 -10.86 -21.26
CA LEU A 296 -2.83 -11.10 -20.31
C LEU A 296 -2.38 -11.99 -19.16
N TYR A 297 -1.40 -12.87 -19.42
CA TYR A 297 -0.81 -13.68 -18.35
C TYR A 297 -0.08 -12.80 -17.35
N GLN A 298 0.85 -11.98 -17.84
CA GLN A 298 1.72 -11.20 -16.97
C GLN A 298 0.93 -10.25 -16.09
N THR A 299 -0.15 -9.67 -16.61
CA THR A 299 -0.96 -8.78 -15.78
C THR A 299 -1.80 -9.54 -14.77
N GLU A 300 -2.23 -10.77 -15.10
CA GLU A 300 -2.97 -11.58 -14.14
C GLU A 300 -2.08 -12.06 -13.01
N SER A 301 -0.82 -12.38 -13.31
CA SER A 301 0.11 -12.79 -12.26
C SER A 301 0.54 -11.60 -11.41
N ASN A 302 0.76 -10.45 -12.04
CA ASN A 302 1.04 -9.25 -11.25
C ASN A 302 -0.18 -8.85 -10.43
N TYR A 303 -1.39 -9.18 -10.91
CA TYR A 303 -2.60 -8.82 -10.19
C TYR A 303 -2.75 -9.66 -8.93
N VAL A 304 -2.40 -10.95 -9.00
CA VAL A 304 -2.53 -11.77 -7.80
C VAL A 304 -1.43 -11.44 -6.80
N ASN A 305 -0.23 -11.08 -7.29
CA ASN A 305 0.83 -10.64 -6.37
C ASN A 305 0.41 -9.39 -5.60
N ILE A 306 -0.25 -8.45 -6.29
CA ILE A 306 -0.78 -7.27 -5.61
C ILE A 306 -1.85 -7.66 -4.61
N LEU A 307 -2.77 -8.55 -5.00
CA LEU A 307 -3.75 -9.07 -4.06
C LEU A 307 -3.07 -9.80 -2.90
N ALA A 308 -2.07 -10.64 -3.22
CA ALA A 308 -1.33 -11.33 -2.16
C ALA A 308 -0.67 -10.34 -1.20
N THR A 309 -0.20 -9.20 -1.74
CA THR A 309 0.39 -8.17 -0.89
C THR A 309 -0.65 -7.59 0.07
N ILE A 310 -1.86 -7.32 -0.43
CA ILE A 310 -2.92 -6.79 0.42
C ILE A 310 -3.25 -7.76 1.55
N ILE A 311 -3.40 -9.04 1.20
CA ILE A 311 -3.82 -10.04 2.18
C ILE A 311 -2.74 -10.28 3.21
N GLN A 312 -1.49 -10.38 2.79
CA GLN A 312 -0.43 -10.83 3.69
C GLN A 312 0.27 -9.69 4.42
N LEU A 313 0.26 -8.47 3.90
CA LEU A 313 0.85 -7.34 4.61
C LEU A 313 -0.18 -6.51 5.37
N PHE A 314 -1.47 -6.80 5.23
CA PHE A 314 -2.49 -6.00 5.89
C PHE A 314 -3.54 -6.87 6.57
N GLN A 315 -4.28 -7.66 5.79
CA GLN A 315 -5.43 -8.38 6.34
C GLN A 315 -4.98 -9.43 7.36
N VAL A 316 -4.11 -10.36 6.94
CA VAL A 316 -3.66 -11.42 7.84
C VAL A 316 -3.03 -10.85 9.11
N PRO A 317 -2.13 -9.87 9.06
CA PRO A 317 -1.58 -9.35 10.33
C PRO A 317 -2.62 -8.74 11.25
N LEU A 318 -3.70 -8.17 10.71
CA LEU A 318 -4.76 -7.65 11.55
C LEU A 318 -5.66 -8.75 12.11
N GLU A 319 -5.64 -9.93 11.50
CA GLU A 319 -6.44 -11.06 11.94
C GLU A 319 -5.67 -12.02 12.83
N GLU A 320 -4.35 -11.87 12.93
CA GLU A 320 -3.54 -12.78 13.72
C GLU A 320 -3.97 -12.73 15.18
N GLU A 321 -3.97 -13.89 15.83
CA GLU A 321 -4.08 -13.93 17.27
C GLU A 321 -2.75 -13.49 17.88
N GLY A 322 -2.78 -13.10 19.16
CA GLY A 322 -1.55 -12.81 19.85
C GLY A 322 -0.73 -11.68 19.27
N GLN A 323 -1.39 -10.59 18.87
CA GLN A 323 -0.69 -9.36 18.48
C GLN A 323 -0.19 -8.63 19.72
N ARG A 324 1.04 -8.11 19.62
CA ARG A 324 1.60 -7.30 20.69
C ARG A 324 0.72 -6.09 20.89
N GLY A 325 0.33 -5.87 22.14
CA GLY A 325 -0.56 -4.80 22.54
C GLY A 325 -2.02 -5.08 22.28
N GLY A 326 -2.38 -6.31 21.91
CA GLY A 326 -3.75 -6.63 21.65
C GLY A 326 -4.16 -6.38 20.21
N PRO A 327 -5.43 -6.67 19.87
CA PRO A 327 -5.85 -6.51 18.46
C PRO A 327 -5.90 -5.04 18.10
N ILE A 328 -5.42 -4.73 16.90
CA ILE A 328 -5.43 -3.34 16.44
C ILE A 328 -6.83 -2.92 16.04
N LEU A 329 -7.55 -3.79 15.35
CA LEU A 329 -8.86 -3.45 14.82
C LEU A 329 -9.91 -4.47 15.25
N ALA A 330 -11.12 -3.98 15.46
CA ALA A 330 -12.23 -4.86 15.78
C ALA A 330 -12.53 -5.78 14.59
N PRO A 331 -13.10 -6.96 14.83
CA PRO A 331 -13.36 -7.88 13.71
C PRO A 331 -14.32 -7.32 12.68
N GLU A 332 -15.31 -6.52 13.11
CA GLU A 332 -16.26 -5.95 12.17
C GLU A 332 -15.56 -5.00 11.19
N GLU A 333 -14.72 -4.11 11.72
CA GLU A 333 -14.08 -3.11 10.89
C GLU A 333 -12.95 -3.67 10.04
N ILE A 334 -12.58 -4.93 10.26
CA ILE A 334 -11.67 -5.61 9.33
C ILE A 334 -12.45 -6.18 8.15
N LYS A 335 -13.64 -6.72 8.41
CA LYS A 335 -14.49 -7.27 7.36
C LYS A 335 -14.95 -6.18 6.41
N THR A 336 -15.32 -5.01 6.95
CA THR A 336 -15.75 -3.89 6.12
C THR A 336 -14.65 -3.48 5.14
N ILE A 337 -13.41 -3.40 5.62
CA ILE A 337 -12.33 -2.87 4.80
C ILE A 337 -11.98 -3.85 3.67
N PHE A 338 -11.75 -5.11 4.01
CA PHE A 338 -11.23 -6.05 3.03
C PHE A 338 -12.31 -6.88 2.36
N GLY A 339 -13.25 -7.41 3.13
CA GLY A 339 -14.42 -8.04 2.52
C GLY A 339 -14.03 -9.31 1.80
N SER A 340 -14.28 -9.33 0.49
CA SER A 340 -14.10 -10.53 -0.33
C SER A 340 -12.83 -10.48 -1.17
N ILE A 341 -11.81 -9.77 -0.70
CA ILE A 341 -10.51 -9.79 -1.38
C ILE A 341 -9.92 -11.19 -1.45
N PRO A 342 -9.86 -11.98 -0.36
CA PRO A 342 -9.31 -13.33 -0.48
C PRO A 342 -10.08 -14.17 -1.49
N ASP A 343 -11.40 -14.01 -1.54
CA ASP A 343 -12.20 -14.70 -2.54
C ASP A 343 -11.86 -14.24 -3.95
N ILE A 344 -11.67 -12.94 -4.14
CA ILE A 344 -11.23 -12.42 -5.44
C ILE A 344 -9.85 -12.99 -5.78
N PHE A 345 -8.95 -13.01 -4.80
CA PHE A 345 -7.66 -13.67 -4.97
C PHE A 345 -7.81 -15.12 -5.39
N ASP A 346 -8.86 -15.79 -4.90
CA ASP A 346 -9.03 -17.21 -5.20
C ASP A 346 -9.39 -17.42 -6.66
N VAL A 347 -10.34 -16.63 -7.17
CA VAL A 347 -10.80 -16.82 -8.54
C VAL A 347 -9.69 -16.49 -9.54
N HIS A 348 -8.98 -15.38 -9.32
CA HIS A 348 -8.00 -14.94 -10.30
C HIS A 348 -6.77 -15.83 -10.33
N THR A 349 -6.38 -16.41 -9.19
CA THR A 349 -5.27 -17.36 -9.22
C THR A 349 -5.66 -18.63 -9.97
N LYS A 350 -6.95 -18.97 -9.99
CA LYS A 350 -7.42 -20.00 -10.90
C LYS A 350 -7.29 -19.54 -12.35
N ILE A 351 -7.74 -18.32 -12.63
CA ILE A 351 -7.62 -17.75 -13.97
C ILE A 351 -6.15 -17.70 -14.40
N LYS A 352 -5.27 -17.29 -13.47
CA LYS A 352 -3.85 -17.24 -13.78
C LYS A 352 -3.29 -18.63 -14.04
N ASP A 353 -3.76 -19.63 -13.29
CA ASP A 353 -3.25 -20.99 -13.43
C ASP A 353 -3.59 -21.56 -14.80
N ASP A 354 -4.88 -21.61 -15.13
CA ASP A 354 -5.30 -22.16 -16.42
C ASP A 354 -4.64 -21.41 -17.57
N LEU A 355 -4.61 -20.08 -17.48
CA LEU A 355 -3.98 -19.27 -18.52
C LEU A 355 -2.51 -19.63 -18.68
N GLU A 356 -1.83 -19.90 -17.58
CA GLU A 356 -0.40 -20.18 -17.64
C GLU A 356 -0.14 -21.50 -18.37
N ASP A 357 -0.87 -22.56 -18.01
CA ASP A 357 -0.66 -23.85 -18.67
C ASP A 357 -1.18 -23.86 -20.10
N LEU A 358 -1.99 -22.89 -20.49
CA LEU A 358 -2.41 -22.78 -21.88
C LEU A 358 -1.27 -22.30 -22.77
N ILE A 359 -0.24 -21.70 -22.20
CA ILE A 359 0.94 -21.26 -22.95
C ILE A 359 1.99 -22.37 -22.97
N SER A 367 -9.90 -22.60 -25.62
CA SER A 367 -10.44 -21.29 -25.99
C SER A 367 -10.40 -20.36 -24.79
N ILE A 368 -9.79 -19.19 -24.98
CA ILE A 368 -9.63 -18.22 -23.91
C ILE A 368 -10.98 -17.77 -23.39
N GLY A 369 -11.95 -17.58 -24.28
CA GLY A 369 -13.29 -17.20 -23.86
C GLY A 369 -13.87 -18.17 -22.85
N ASP A 370 -13.75 -19.47 -23.12
CA ASP A 370 -14.25 -20.48 -22.20
C ASP A 370 -13.61 -20.34 -20.82
N ILE A 371 -12.32 -20.00 -20.78
CA ILE A 371 -11.64 -19.77 -19.51
C ILE A 371 -12.38 -18.71 -18.70
N PHE A 372 -12.74 -17.60 -19.35
CA PHE A 372 -13.48 -16.55 -18.68
C PHE A 372 -14.98 -16.88 -18.58
N LEU A 373 -15.52 -17.60 -19.57
CA LEU A 373 -16.92 -18.00 -19.50
C LEU A 373 -17.18 -18.86 -18.28
N LYS A 374 -16.22 -19.71 -17.91
CA LYS A 374 -16.37 -20.54 -16.72
C LYS A 374 -16.44 -19.70 -15.46
N TYR A 375 -15.36 -18.99 -15.15
CA TYR A 375 -15.26 -18.25 -13.90
C TYR A 375 -16.21 -17.05 -13.86
N SER A 376 -16.87 -16.72 -14.97
CA SER A 376 -17.85 -15.64 -14.96
C SER A 376 -18.91 -15.87 -13.90
N LYS A 377 -19.28 -17.14 -13.68
CA LYS A 377 -20.19 -17.46 -12.58
C LYS A 377 -19.57 -17.11 -11.23
N ASP A 378 -18.28 -17.41 -11.08
CA ASP A 378 -17.56 -17.00 -9.87
C ASP A 378 -17.35 -15.48 -9.86
N LEU A 379 -17.11 -14.90 -11.03
CA LEU A 379 -16.76 -13.47 -11.11
C LEU A 379 -17.86 -12.60 -10.52
N VAL A 380 -19.11 -12.86 -10.90
CA VAL A 380 -20.23 -12.04 -10.43
C VAL A 380 -20.43 -12.16 -8.91
N LYS A 381 -19.99 -13.26 -8.30
CA LYS A 381 -20.20 -13.44 -6.87
C LYS A 381 -19.32 -12.48 -6.06
N THR A 382 -18.04 -12.39 -6.41
CA THR A 382 -17.04 -11.79 -5.53
C THR A 382 -16.94 -10.27 -5.68
N TYR A 383 -17.08 -9.75 -6.89
CA TYR A 383 -16.69 -8.36 -7.15
C TYR A 383 -17.70 -7.31 -6.65
N PRO A 384 -19.00 -7.45 -6.90
CA PRO A 384 -19.95 -6.41 -6.46
C PRO A 384 -19.92 -6.15 -4.96
N PRO A 385 -19.87 -7.17 -4.09
CA PRO A 385 -19.85 -6.87 -2.65
C PRO A 385 -18.66 -6.03 -2.23
N PHE A 386 -17.51 -6.16 -2.91
CA PHE A 386 -16.37 -5.33 -2.56
C PHE A 386 -16.44 -3.97 -3.24
N VAL A 387 -16.67 -3.96 -4.56
CA VAL A 387 -16.59 -2.72 -5.33
C VAL A 387 -17.65 -1.73 -4.86
N ASN A 388 -18.88 -2.20 -4.63
CA ASN A 388 -19.96 -1.29 -4.28
C ASN A 388 -19.74 -0.65 -2.91
N PHE A 389 -19.17 -1.40 -1.97
CA PHE A 389 -18.86 -0.86 -0.65
C PHE A 389 -17.44 -0.29 -0.57
N PHE A 390 -16.76 -0.14 -1.70
CA PHE A 390 -15.40 0.36 -1.69
C PHE A 390 -15.30 1.73 -1.05
N GLU A 391 -16.35 2.55 -1.19
CA GLU A 391 -16.34 3.86 -0.55
C GLU A 391 -16.30 3.73 0.97
N MET A 392 -17.17 2.87 1.53
CA MET A 392 -17.18 2.64 2.96
C MET A 392 -15.83 2.11 3.45
N SER A 393 -15.19 1.24 2.65
CA SER A 393 -13.84 0.80 2.97
C SER A 393 -12.91 2.00 3.13
N LYS A 394 -12.94 2.92 2.15
CA LYS A 394 -12.08 4.10 2.22
C LYS A 394 -12.44 4.96 3.43
N GLU A 395 -13.73 5.04 3.77
CA GLU A 395 -14.14 5.78 4.95
C GLU A 395 -13.56 5.15 6.22
N THR A 396 -13.76 3.84 6.37
CA THR A 396 -13.32 3.16 7.58
C THR A 396 -11.81 3.31 7.78
N ILE A 397 -11.04 3.11 6.72
CA ILE A 397 -9.59 3.22 6.82
C ILE A 397 -9.19 4.60 7.31
N ILE A 398 -9.76 5.64 6.71
CA ILE A 398 -9.44 7.01 7.11
C ILE A 398 -9.94 7.29 8.53
N LYS A 399 -11.14 6.81 8.85
CA LYS A 399 -11.66 6.98 10.21
C LYS A 399 -10.74 6.31 11.23
N CYS A 400 -10.47 5.02 11.03
CA CYS A 400 -9.60 4.30 11.95
C CYS A 400 -8.19 4.86 11.94
N GLU A 401 -7.71 5.32 10.79
CA GLU A 401 -6.41 5.98 10.72
C GLU A 401 -6.35 7.18 11.64
N LYS A 402 -7.48 7.88 11.79
CA LYS A 402 -7.55 9.06 12.64
C LYS A 402 -7.83 8.67 14.10
N GLN A 403 -8.93 7.96 14.33
CA GLN A 403 -9.35 7.65 15.70
C GLN A 403 -8.38 6.70 16.38
N LYS A 404 -7.94 5.67 15.68
CA LYS A 404 -7.14 4.60 16.27
C LYS A 404 -5.67 4.80 15.91
N PRO A 405 -4.85 5.36 16.81
CA PRO A 405 -3.46 5.65 16.44
C PRO A 405 -2.58 4.42 16.30
N ARG A 406 -2.91 3.31 16.95
CA ARG A 406 -2.16 2.08 16.69
C ARG A 406 -2.31 1.64 15.24
N PHE A 407 -3.51 1.80 14.68
CA PHE A 407 -3.71 1.49 13.28
C PHE A 407 -3.03 2.51 12.38
N HIS A 408 -2.94 3.76 12.84
CA HIS A 408 -2.17 4.78 12.11
C HIS A 408 -0.72 4.37 11.98
N ALA A 409 -0.10 3.92 13.06
CA ALA A 409 1.28 3.44 12.99
C ALA A 409 1.38 2.20 12.10
N PHE A 410 0.36 1.33 12.15
CA PHE A 410 0.37 0.13 11.33
C PHE A 410 0.45 0.48 9.84
N LEU A 411 -0.30 1.50 9.41
CA LEU A 411 -0.25 1.92 8.02
C LEU A 411 1.06 2.62 7.69
N LYS A 412 1.57 3.43 8.63
CA LYS A 412 2.87 4.07 8.43
C LYS A 412 3.97 3.05 8.19
N ILE A 413 3.96 1.97 8.97
CA ILE A 413 5.01 0.96 8.84
C ILE A 413 4.88 0.20 7.53
N ASN A 414 3.67 -0.26 7.21
CA ASN A 414 3.52 -1.19 6.09
C ASN A 414 3.59 -0.49 4.74
N GLN A 415 2.98 0.70 4.62
CA GLN A 415 3.05 1.45 3.37
C GLN A 415 4.46 1.91 3.05
N ALA A 416 5.36 1.94 4.03
CA ALA A 416 6.75 2.29 3.80
C ALA A 416 7.56 1.14 3.23
N LYS A 417 6.95 0.00 2.96
CA LYS A 417 7.69 -1.15 2.49
C LYS A 417 7.73 -1.18 0.96
N PRO A 418 8.87 -1.57 0.40
CA PRO A 418 9.03 -1.51 -1.07
C PRO A 418 7.99 -2.31 -1.83
N GLU A 419 7.42 -3.35 -1.22
CA GLU A 419 6.34 -4.10 -1.86
C GLU A 419 5.08 -3.28 -2.06
N CYS A 420 5.03 -2.05 -1.52
CA CYS A 420 3.92 -1.14 -1.73
C CYS A 420 4.20 -0.11 -2.82
N GLY A 421 5.45 0.06 -3.23
CA GLY A 421 5.78 1.06 -4.24
C GLY A 421 5.30 2.45 -3.88
N ARG A 422 5.40 2.82 -2.61
CA ARG A 422 4.90 4.10 -2.11
C ARG A 422 3.42 4.30 -2.45
N GLN A 423 2.65 3.22 -2.44
CA GLN A 423 1.21 3.27 -2.62
C GLN A 423 0.53 3.05 -1.29
N SER A 424 -0.51 3.85 -1.02
CA SER A 424 -1.34 3.66 0.15
C SER A 424 -2.10 2.33 0.05
N LEU A 425 -2.56 1.85 1.21
CA LEU A 425 -3.50 0.72 1.21
C LEU A 425 -4.70 1.05 0.33
N VAL A 426 -5.20 2.28 0.43
CA VAL A 426 -6.39 2.67 -0.34
C VAL A 426 -6.12 2.54 -1.83
N GLU A 427 -5.03 3.15 -2.31
CA GLU A 427 -4.75 3.09 -3.74
C GLU A 427 -4.18 1.74 -4.17
N LEU A 428 -4.00 0.81 -3.24
CA LEU A 428 -3.78 -0.58 -3.60
C LEU A 428 -5.10 -1.32 -3.75
N LEU A 429 -6.13 -0.91 -3.00
CA LEU A 429 -7.47 -1.46 -3.14
C LEU A 429 -8.17 -1.00 -4.41
N ILE A 430 -7.60 -0.03 -5.13
CA ILE A 430 -8.23 0.47 -6.34
C ILE A 430 -8.02 -0.50 -7.50
N ARG A 431 -6.96 -1.31 -7.45
CA ARG A 431 -6.68 -2.22 -8.55
C ARG A 431 -7.81 -3.21 -8.81
N PRO A 432 -8.44 -3.84 -7.82
CA PRO A 432 -9.59 -4.70 -8.13
C PRO A 432 -10.77 -3.92 -8.67
N VAL A 433 -10.97 -2.67 -8.24
CA VAL A 433 -12.07 -1.86 -8.76
C VAL A 433 -11.87 -1.60 -10.24
N GLN A 434 -10.62 -1.59 -10.70
CA GLN A 434 -10.30 -1.27 -12.08
C GLN A 434 -9.81 -2.47 -12.88
N ARG A 435 -9.83 -3.67 -12.28
CA ARG A 435 -9.20 -4.81 -12.94
C ARG A 435 -10.02 -5.33 -14.12
N LEU A 436 -11.33 -5.48 -13.93
CA LEU A 436 -12.17 -6.11 -14.95
C LEU A 436 -12.28 -5.29 -16.24
N PRO A 437 -12.42 -3.95 -16.18
CA PRO A 437 -12.36 -3.18 -17.43
C PRO A 437 -11.10 -3.39 -18.23
N SER A 438 -9.94 -3.53 -17.57
CA SER A 438 -8.69 -3.76 -18.31
C SER A 438 -8.69 -5.13 -18.96
N VAL A 439 -9.31 -6.12 -18.32
CA VAL A 439 -9.41 -7.45 -18.92
C VAL A 439 -10.19 -7.36 -20.22
N ALA A 440 -11.38 -6.75 -20.17
CA ALA A 440 -12.21 -6.58 -21.36
C ALA A 440 -11.45 -5.85 -22.47
N LEU A 441 -10.69 -4.81 -22.09
CA LEU A 441 -9.94 -4.05 -23.10
C LEU A 441 -8.90 -4.93 -23.78
N LEU A 442 -8.25 -5.81 -23.02
CA LEU A 442 -7.33 -6.76 -23.64
C LEU A 442 -8.06 -7.85 -24.40
N LEU A 443 -9.31 -8.15 -24.01
CA LEU A 443 -10.08 -9.15 -24.72
C LEU A 443 -10.55 -8.64 -26.08
N ASN A 444 -10.96 -7.37 -26.16
CA ASN A 444 -11.35 -6.79 -27.44
C ASN A 444 -10.16 -6.70 -28.38
N ASP A 445 -9.03 -6.20 -27.88
CA ASP A 445 -7.82 -6.12 -28.69
C ASP A 445 -7.21 -7.50 -28.97
N LEU A 446 -7.78 -8.57 -28.43
CA LEU A 446 -7.37 -9.94 -28.72
C LEU A 446 -8.24 -10.59 -29.79
N LYS A 447 -9.56 -10.47 -29.65
CA LYS A 447 -10.48 -11.03 -30.63
C LYS A 447 -10.22 -10.46 -32.02
N LYS A 448 -10.12 -9.13 -32.12
CA LYS A 448 -9.94 -8.51 -33.42
C LYS A 448 -8.54 -8.76 -33.97
N HIS A 449 -7.53 -8.80 -33.10
CA HIS A 449 -6.17 -9.04 -33.53
C HIS A 449 -5.90 -10.55 -33.64
N THR A 450 -6.95 -11.32 -33.92
CA THR A 450 -6.83 -12.76 -34.08
C THR A 450 -7.30 -13.20 -35.47
N ASP A 456 -12.10 -20.58 -33.80
CA ASP A 456 -13.40 -19.98 -33.55
C ASP A 456 -13.26 -18.73 -32.67
N LYS A 457 -13.32 -17.56 -33.31
CA LYS A 457 -13.35 -16.31 -32.56
C LYS A 457 -14.69 -16.08 -31.88
N SER A 458 -15.66 -16.97 -32.08
CA SER A 458 -16.96 -16.84 -31.42
C SER A 458 -16.82 -16.92 -29.91
N THR A 459 -15.96 -17.82 -29.42
CA THR A 459 -15.83 -18.03 -27.97
C THR A 459 -15.49 -16.74 -27.26
N LEU A 460 -14.63 -15.91 -27.87
CA LEU A 460 -14.20 -14.67 -27.22
C LEU A 460 -15.36 -13.69 -27.08
N GLU A 461 -16.13 -13.49 -28.16
CA GLU A 461 -17.22 -12.53 -28.12
C GLU A 461 -18.27 -12.91 -27.09
N LYS A 462 -18.39 -14.21 -26.78
CA LYS A 462 -19.29 -14.62 -25.72
C LYS A 462 -18.83 -14.11 -24.36
N ALA A 463 -17.50 -14.09 -24.14
CA ALA A 463 -16.98 -13.71 -22.83
C ALA A 463 -17.09 -12.22 -22.59
N ILE A 464 -16.82 -11.40 -23.61
CA ILE A 464 -16.84 -9.96 -23.43
C ILE A 464 -18.22 -9.49 -23.04
N GLY A 465 -19.26 -10.10 -23.61
CA GLY A 465 -20.62 -9.71 -23.30
C GLY A 465 -20.99 -10.01 -21.85
N SER A 466 -20.71 -11.23 -21.40
CA SER A 466 -20.97 -11.57 -20.01
C SER A 466 -20.12 -10.72 -19.07
N LEU A 467 -18.93 -10.33 -19.50
CA LEU A 467 -18.06 -9.52 -18.66
C LEU A 467 -18.67 -8.15 -18.40
N LYS A 468 -19.21 -7.50 -19.44
CA LYS A 468 -19.90 -6.25 -19.22
C LYS A 468 -21.29 -6.45 -18.62
N GLU A 469 -21.78 -7.69 -18.56
CA GLU A 469 -23.01 -7.97 -17.84
C GLU A 469 -22.78 -7.92 -16.34
N VAL A 470 -21.56 -8.23 -15.88
CA VAL A 470 -21.26 -8.17 -14.46
C VAL A 470 -21.12 -6.73 -13.99
N MET A 471 -20.61 -5.85 -14.86
CA MET A 471 -20.51 -4.43 -14.52
C MET A 471 -21.87 -3.80 -14.28
N THR A 472 -22.95 -4.47 -14.70
CA THR A 472 -24.29 -4.01 -14.38
C THR A 472 -24.50 -3.93 -12.88
N HIS A 473 -24.01 -4.93 -12.15
CA HIS A 473 -24.24 -5.01 -10.71
C HIS A 473 -23.52 -3.91 -9.94
N ILE A 474 -22.56 -3.25 -10.56
CA ILE A 474 -21.87 -2.12 -9.92
C ILE A 474 -22.80 -0.91 -9.87
N ASN A 475 -23.39 -0.67 -8.71
CA ASN A 475 -24.06 0.61 -8.48
C ASN A 475 -23.02 1.72 -8.60
N GLU A 476 -23.35 2.76 -9.36
CA GLU A 476 -22.37 3.75 -9.79
C GLU A 476 -22.40 4.97 -8.88
N ASP A 477 -21.22 5.37 -8.40
CA ASP A 477 -21.09 6.63 -7.70
C ASP A 477 -21.40 7.80 -8.64
N LYS A 478 -21.69 8.95 -8.03
CA LYS A 478 -21.81 10.18 -8.81
C LYS A 478 -20.48 10.61 -9.39
N ARG A 479 -19.36 10.17 -8.80
CA ARG A 479 -18.07 10.42 -9.42
C ARG A 479 -17.85 9.54 -10.65
N LYS A 480 -18.57 8.43 -10.76
CA LYS A 480 -18.51 7.60 -11.95
C LYS A 480 -19.35 8.18 -13.08
N THR A 481 -20.49 8.79 -12.74
CA THR A 481 -21.31 9.42 -13.78
C THR A 481 -20.70 10.72 -14.28
N GLU A 482 -19.81 11.33 -13.50
CA GLU A 482 -19.05 12.48 -14.00
C GLU A 482 -17.88 12.03 -14.87
N ALA A 483 -17.27 10.90 -14.52
CA ALA A 483 -16.12 10.39 -15.27
C ALA A 483 -16.52 10.01 -16.69
N GLN A 484 -17.63 9.29 -16.85
CA GLN A 484 -18.05 8.86 -18.17
C GLN A 484 -18.45 10.03 -19.05
N LYS A 485 -18.88 11.15 -18.44
CA LYS A 485 -19.19 12.35 -19.21
C LYS A 485 -17.97 12.86 -19.96
N GLN A 486 -16.77 12.63 -19.42
CA GLN A 486 -15.54 13.03 -20.09
C GLN A 486 -15.04 11.98 -21.07
N ILE A 487 -15.29 10.70 -20.81
CA ILE A 487 -14.95 9.66 -21.78
C ILE A 487 -15.74 9.85 -23.06
N PHE A 488 -17.03 10.21 -22.94
CA PHE A 488 -17.88 10.42 -24.11
C PHE A 488 -17.37 11.58 -24.95
N ASP A 489 -16.83 12.62 -24.31
CA ASP A 489 -16.33 13.78 -25.03
C ASP A 489 -15.19 13.42 -25.98
N VAL A 490 -14.54 12.28 -25.77
CA VAL A 490 -13.47 11.83 -26.66
C VAL A 490 -14.02 11.01 -27.82
N VAL A 491 -14.90 10.06 -27.54
CA VAL A 491 -15.56 9.29 -28.59
C VAL A 491 -16.31 10.21 -29.54
N TYR A 492 -16.85 11.32 -29.01
CA TYR A 492 -17.54 12.29 -29.84
C TYR A 492 -16.57 12.97 -30.79
N GLU A 493 -15.40 13.36 -30.29
CA GLU A 493 -14.46 14.19 -31.05
C GLU A 493 -13.57 13.36 -31.97
N VAL A 494 -13.31 12.11 -31.65
CA VAL A 494 -12.33 11.29 -32.37
C VAL A 494 -13.08 10.39 -33.34
N ASP A 495 -12.89 10.62 -34.64
CA ASP A 495 -13.56 9.83 -35.65
C ASP A 495 -12.96 8.43 -35.70
N GLY A 496 -13.81 7.43 -35.60
CA GLY A 496 -13.35 6.05 -35.55
C GLY A 496 -12.83 5.61 -34.20
N CYS A 497 -13.05 6.39 -33.15
CA CYS A 497 -12.63 5.97 -31.81
C CYS A 497 -13.42 4.73 -31.38
N PRO A 498 -12.75 3.69 -30.87
CA PRO A 498 -13.46 2.44 -30.59
C PRO A 498 -14.54 2.61 -29.53
N ALA A 499 -15.68 1.94 -29.74
CA ALA A 499 -16.84 2.13 -28.88
C ALA A 499 -16.61 1.56 -27.48
N ASN A 500 -15.88 0.44 -27.38
CA ASN A 500 -15.70 -0.21 -26.09
C ASN A 500 -14.96 0.66 -25.08
N LEU A 501 -14.29 1.72 -25.56
CA LEU A 501 -13.66 2.69 -24.67
C LEU A 501 -14.66 3.28 -23.70
N LEU A 502 -15.88 3.54 -24.18
CA LEU A 502 -16.88 4.21 -23.35
C LEU A 502 -17.60 3.24 -22.42
N SER A 503 -17.77 2.00 -22.85
CA SER A 503 -18.65 1.06 -22.15
C SER A 503 -18.22 0.83 -20.70
N SER A 504 -16.92 0.86 -20.42
CA SER A 504 -16.41 0.48 -19.11
C SER A 504 -16.51 1.65 -18.12
N HIS A 505 -16.02 1.41 -16.91
CA HIS A 505 -16.01 2.38 -15.82
C HIS A 505 -14.62 2.99 -15.63
N ARG A 506 -14.03 3.52 -16.69
CA ARG A 506 -12.70 4.10 -16.58
C ARG A 506 -12.83 5.62 -16.42
N SER A 507 -11.73 6.35 -16.58
CA SER A 507 -11.75 7.79 -16.43
C SER A 507 -10.62 8.40 -17.24
N LEU A 508 -10.85 9.63 -17.71
CA LEU A 508 -9.81 10.36 -18.42
C LEU A 508 -8.84 10.98 -17.42
N VAL A 509 -7.55 10.71 -17.59
CA VAL A 509 -6.54 11.21 -16.68
C VAL A 509 -5.97 12.54 -17.16
N GLN A 510 -5.59 12.62 -18.44
CA GLN A 510 -4.89 13.78 -18.96
C GLN A 510 -4.99 13.80 -20.47
N ARG A 511 -5.20 14.98 -21.03
CA ARG A 511 -5.11 15.22 -22.47
C ARG A 511 -3.87 16.04 -22.76
N VAL A 512 -3.07 15.59 -23.73
CA VAL A 512 -1.78 16.23 -24.04
C VAL A 512 -1.69 16.46 -25.55
N GLU A 513 -1.54 17.72 -25.95
CA GLU A 513 -1.33 18.05 -27.35
C GLU A 513 0.12 17.80 -27.72
N THR A 514 0.34 17.16 -28.86
CA THR A 514 1.66 16.62 -29.18
C THR A 514 1.88 16.68 -30.69
N ILE A 515 3.15 16.75 -31.08
CA ILE A 515 3.56 16.65 -32.47
C ILE A 515 4.37 15.38 -32.64
N SER A 516 4.01 14.59 -33.66
CA SER A 516 4.65 13.29 -33.86
C SER A 516 6.05 13.45 -34.43
N LEU A 517 6.90 12.48 -34.10
CA LEU A 517 8.26 12.40 -34.63
C LEU A 517 8.55 10.96 -35.01
N GLY A 518 9.30 10.78 -36.09
CA GLY A 518 9.65 9.45 -36.54
C GLY A 518 8.52 8.78 -37.30
N GLU A 519 8.83 7.60 -37.85
CA GLU A 519 7.89 6.92 -38.74
C GLU A 519 6.60 6.55 -38.03
N HIS A 520 6.68 6.22 -36.74
CA HIS A 520 5.53 5.75 -36.00
C HIS A 520 5.08 6.78 -34.97
N PRO A 521 3.79 6.80 -34.62
CA PRO A 521 2.74 5.90 -35.13
C PRO A 521 2.07 6.45 -36.39
N CYS A 522 2.34 7.71 -36.69
CA CYS A 522 1.80 8.37 -37.87
C CYS A 522 2.93 9.08 -38.59
N ASP A 523 2.61 9.69 -39.73
CA ASP A 523 3.61 10.36 -40.55
C ASP A 523 4.36 11.40 -39.74
N ARG A 524 5.64 11.57 -40.06
CA ARG A 524 6.49 12.48 -39.30
C ARG A 524 6.00 13.92 -39.46
N GLY A 525 6.11 14.69 -38.38
CA GLY A 525 5.59 16.04 -38.35
C GLY A 525 4.10 16.15 -38.17
N GLU A 526 3.41 15.03 -37.99
CA GLU A 526 1.95 15.03 -37.87
C GLU A 526 1.53 15.50 -36.49
N GLN A 527 0.55 16.39 -36.45
CA GLN A 527 -0.02 16.84 -35.19
C GLN A 527 -0.86 15.72 -34.58
N VAL A 528 -0.70 15.50 -33.27
CA VAL A 528 -1.30 14.37 -32.58
C VAL A 528 -1.82 14.83 -31.21
N THR A 529 -2.90 14.21 -30.77
CA THR A 529 -3.43 14.43 -29.43
C THR A 529 -3.48 13.09 -28.70
N LEU A 530 -3.00 13.08 -27.46
CA LEU A 530 -2.95 11.88 -26.64
C LEU A 530 -3.98 11.99 -25.52
N PHE A 531 -4.74 10.92 -25.31
CA PHE A 531 -5.74 10.85 -24.25
C PHE A 531 -5.33 9.74 -23.29
N LEU A 532 -4.94 10.11 -22.08
CA LEU A 532 -4.52 9.14 -21.09
C LEU A 532 -5.73 8.76 -20.24
N PHE A 533 -6.14 7.50 -20.34
CA PHE A 533 -7.08 6.91 -19.40
C PHE A 533 -6.31 6.03 -18.43
N ASN A 534 -6.96 5.70 -17.31
CA ASN A 534 -6.25 4.99 -16.25
C ASN A 534 -5.77 3.61 -16.68
N ASP A 535 -6.21 3.10 -17.83
CA ASP A 535 -5.77 1.78 -18.27
C ASP A 535 -5.52 1.69 -19.78
N CYS A 536 -5.45 2.81 -20.50
CA CYS A 536 -5.22 2.77 -21.94
C CYS A 536 -4.84 4.17 -22.42
N LEU A 537 -4.26 4.21 -23.62
CA LEU A 537 -3.85 5.46 -24.25
C LEU A 537 -4.49 5.54 -25.64
N GLU A 538 -5.30 6.57 -25.86
CA GLU A 538 -5.93 6.80 -27.15
C GLU A 538 -5.11 7.79 -27.96
N ILE A 539 -4.76 7.40 -29.18
CA ILE A 539 -3.87 8.18 -30.03
C ILE A 539 -4.66 8.65 -31.25
N ALA A 540 -4.76 9.96 -31.42
CA ALA A 540 -5.61 10.53 -32.46
C ALA A 540 -4.81 11.52 -33.29
N ARG A 541 -4.89 11.34 -34.61
CA ARG A 541 -4.28 12.21 -35.60
C ARG A 541 -5.21 13.36 -35.93
N LYS A 542 -4.64 14.46 -36.41
CA LYS A 542 -5.47 15.53 -36.95
C LYS A 542 -5.79 15.24 -38.41
N ARG A 543 -6.90 15.81 -38.88
CA ARG A 543 -7.55 15.31 -40.09
C ARG A 543 -6.93 15.84 -41.37
N HIS A 544 -6.88 14.98 -42.39
CA HIS A 544 -6.35 15.32 -43.70
C HIS A 544 -7.42 15.96 -44.58
N PRO A 559 -16.06 19.16 -30.99
CA PRO A 559 -16.58 19.12 -32.36
C PRO A 559 -16.43 17.74 -33.00
N PRO A 560 -17.50 17.21 -33.59
CA PRO A 560 -17.48 15.82 -34.06
C PRO A 560 -16.42 15.60 -35.12
N ALA A 561 -15.54 14.63 -34.84
CA ALA A 561 -14.51 14.19 -35.78
C ALA A 561 -13.47 15.28 -36.07
N SER A 562 -13.09 16.03 -35.03
CA SER A 562 -11.97 16.96 -35.15
C SER A 562 -10.65 16.21 -35.28
N LEU A 563 -10.55 15.03 -34.69
CA LEU A 563 -9.38 14.19 -34.75
C LEU A 563 -9.72 12.87 -35.43
N LYS A 564 -8.70 12.19 -35.92
CA LYS A 564 -8.87 10.87 -36.53
C LYS A 564 -8.18 9.83 -35.67
N HIS A 565 -8.89 8.75 -35.38
CA HIS A 565 -8.32 7.68 -34.56
C HIS A 565 -7.14 7.04 -35.27
N ILE A 566 -6.13 6.66 -34.49
CA ILE A 566 -4.98 5.93 -35.02
C ILE A 566 -4.90 4.59 -34.30
N HIS A 567 -4.77 4.62 -32.98
CA HIS A 567 -4.58 3.41 -32.21
C HIS A 567 -5.10 3.63 -30.79
N LEU A 568 -5.82 2.64 -30.28
CA LEU A 568 -6.23 2.60 -28.89
C LEU A 568 -5.34 1.58 -28.21
N MET A 569 -4.38 2.07 -27.42
CA MET A 569 -3.32 1.22 -26.91
C MET A 569 -3.58 0.89 -25.45
N PRO A 570 -3.73 -0.38 -25.09
CA PRO A 570 -3.75 -0.74 -23.67
C PRO A 570 -2.41 -0.38 -23.05
N LEU A 571 -2.46 0.27 -21.88
CA LEU A 571 -1.22 0.73 -21.25
C LEU A 571 -0.25 -0.41 -20.99
N SER A 572 -0.74 -1.65 -20.97
CA SER A 572 0.13 -2.81 -20.85
C SER A 572 1.14 -2.92 -21.99
N GLN A 573 0.82 -2.36 -23.16
CA GLN A 573 1.72 -2.48 -24.30
C GLN A 573 2.86 -1.47 -24.30
N ILE A 574 2.89 -0.56 -23.32
CA ILE A 574 3.99 0.38 -23.20
C ILE A 574 5.07 -0.25 -22.33
N LYS A 575 6.20 -0.61 -22.94
CA LYS A 575 7.26 -1.31 -22.23
C LYS A 575 8.18 -0.36 -21.48
N LYS A 576 8.38 0.85 -21.99
CA LYS A 576 9.28 1.79 -21.34
C LYS A 576 8.96 3.20 -21.82
N VAL A 577 9.18 4.16 -20.93
CA VAL A 577 8.93 5.58 -21.19
C VAL A 577 10.28 6.29 -21.18
N LEU A 578 10.48 7.19 -22.15
CA LEU A 578 11.77 7.85 -22.35
C LEU A 578 11.63 9.34 -22.20
N ASP A 579 12.49 9.93 -21.36
CA ASP A 579 12.66 11.37 -21.25
C ASP A 579 13.84 11.79 -22.11
N ILE A 580 13.71 12.93 -22.80
CA ILE A 580 14.73 13.43 -23.71
C ILE A 580 15.15 14.82 -23.25
N ARG A 581 16.46 15.02 -23.12
CA ARG A 581 17.02 16.21 -22.50
C ARG A 581 16.92 17.43 -23.42
N GLU A 582 16.85 18.60 -22.79
CA GLU A 582 16.64 19.87 -23.49
C GLU A 582 17.95 20.35 -24.13
N THR A 583 18.35 19.65 -25.19
CA THR A 583 19.53 20.09 -25.93
C THR A 583 19.24 21.29 -26.82
N GLU A 584 17.95 21.64 -26.99
CA GLU A 584 17.48 22.65 -27.94
C GLU A 584 17.80 22.24 -29.37
N ASP A 585 18.53 21.15 -29.56
CA ASP A 585 18.41 20.44 -30.82
C ASP A 585 17.00 19.86 -30.96
N CYS A 586 16.38 19.49 -29.83
CA CYS A 586 14.96 19.18 -29.75
C CYS A 586 14.43 19.68 -28.43
N HIS A 587 13.20 20.21 -28.44
CA HIS A 587 12.61 20.85 -27.28
C HIS A 587 11.38 20.09 -26.82
N ASN A 588 11.33 19.76 -25.53
CA ASN A 588 10.16 19.13 -24.90
C ASN A 588 9.83 17.78 -25.52
N ALA A 589 10.84 16.95 -25.73
CA ALA A 589 10.66 15.68 -26.43
C ALA A 589 10.58 14.52 -25.44
N PHE A 590 9.85 13.49 -25.83
CA PHE A 590 9.77 12.25 -25.08
C PHE A 590 9.46 11.12 -26.06
N ALA A 591 9.50 9.89 -25.56
CA ALA A 591 9.19 8.75 -26.42
C ALA A 591 8.72 7.59 -25.56
N LEU A 592 8.02 6.66 -26.21
CA LEU A 592 7.47 5.48 -25.57
C LEU A 592 7.95 4.23 -26.30
N LEU A 593 8.34 3.22 -25.53
CA LEU A 593 8.75 1.93 -26.08
C LEU A 593 7.56 0.98 -25.97
N VAL A 594 6.97 0.64 -27.11
CA VAL A 594 5.75 -0.14 -27.13
C VAL A 594 5.98 -1.44 -27.90
N ARG A 595 5.21 -2.47 -27.53
CA ARG A 595 5.23 -3.77 -28.19
C ARG A 595 3.82 -4.09 -28.64
N PRO A 596 3.37 -3.55 -29.78
CA PRO A 596 2.07 -3.92 -30.29
C PRO A 596 2.08 -5.36 -30.78
N PRO A 597 0.93 -6.04 -30.76
CA PRO A 597 0.89 -7.43 -31.25
C PRO A 597 1.12 -7.55 -32.75
N THR A 598 1.30 -6.43 -33.46
CA THR A 598 1.35 -6.42 -34.93
C THR A 598 2.74 -6.67 -35.49
N GLU A 599 3.78 -6.04 -34.92
CA GLU A 599 5.10 -6.06 -35.54
C GLU A 599 6.10 -6.99 -34.85
N GLN A 600 5.70 -7.66 -33.77
CA GLN A 600 6.53 -8.69 -33.13
C GLN A 600 7.88 -8.16 -32.69
N ALA A 601 7.95 -6.88 -32.31
CA ALA A 601 9.19 -6.27 -31.82
C ALA A 601 8.86 -4.92 -31.20
N ASN A 602 9.84 -4.35 -30.50
CA ASN A 602 9.68 -3.03 -29.92
C ASN A 602 9.78 -1.94 -30.98
N VAL A 603 9.10 -0.82 -30.74
CA VAL A 603 9.05 0.29 -31.68
C VAL A 603 9.00 1.60 -30.88
N LEU A 604 9.70 2.62 -31.38
CA LEU A 604 9.76 3.92 -30.73
C LEU A 604 8.63 4.81 -31.23
N LEU A 605 7.93 5.45 -30.30
CA LEU A 605 6.90 6.43 -30.59
C LEU A 605 7.40 7.78 -30.08
N SER A 606 7.95 8.59 -30.98
CA SER A 606 8.58 9.85 -30.60
C SER A 606 7.60 11.00 -30.71
N PHE A 607 7.70 11.94 -29.77
CA PHE A 607 6.69 12.96 -29.62
C PHE A 607 7.31 14.23 -29.06
N GLN A 608 6.69 15.37 -29.39
CA GLN A 608 7.08 16.67 -28.87
C GLN A 608 5.88 17.31 -28.19
N MET A 609 6.04 17.65 -26.92
CA MET A 609 4.97 18.33 -26.21
C MET A 609 4.83 19.76 -26.70
N THR A 610 3.60 20.14 -27.05
CA THR A 610 3.23 21.53 -27.26
C THR A 610 2.33 22.06 -26.16
N SER A 611 1.87 21.20 -25.26
CA SER A 611 0.99 21.60 -24.17
C SER A 611 1.83 22.26 -23.08
N ASP A 612 1.64 23.56 -22.87
CA ASP A 612 2.29 24.28 -21.78
C ASP A 612 1.58 24.08 -20.45
N GLU A 613 0.47 23.33 -20.43
CA GLU A 613 -0.28 23.16 -19.20
C GLU A 613 0.52 22.41 -18.14
N LEU A 614 1.29 21.41 -18.56
CA LEU A 614 2.03 20.59 -17.59
C LEU A 614 3.49 20.50 -17.97
N PRO A 615 4.38 20.51 -16.97
CA PRO A 615 5.78 20.16 -17.24
C PRO A 615 5.89 18.75 -17.78
N LYS A 616 6.95 18.52 -18.56
CA LYS A 616 7.12 17.21 -19.19
C LYS A 616 7.28 16.10 -18.16
N GLU A 617 7.94 16.41 -17.03
CA GLU A 617 8.17 15.36 -16.03
C GLU A 617 6.91 15.06 -15.22
N ASN A 618 6.10 16.08 -14.91
CA ASN A 618 4.86 15.82 -14.20
C ASN A 618 3.94 14.90 -14.97
N TRP A 619 3.97 14.99 -16.31
CA TRP A 619 3.15 14.10 -17.13
C TRP A 619 3.83 12.77 -17.42
N LEU A 620 5.17 12.75 -17.52
CA LEU A 620 5.87 11.48 -17.60
C LEU A 620 5.71 10.67 -16.31
N LYS A 621 5.63 11.36 -15.17
CA LYS A 621 5.31 10.67 -13.92
C LYS A 621 3.85 10.20 -13.91
N MET A 622 2.95 11.07 -14.37
CA MET A 622 1.54 10.69 -14.52
C MET A 622 1.40 9.50 -15.47
N LEU A 623 2.22 9.47 -16.52
CA LEU A 623 2.19 8.35 -17.46
C LEU A 623 2.64 7.06 -16.79
N CYS A 624 3.81 7.08 -16.13
CA CYS A 624 4.38 5.86 -15.58
C CYS A 624 3.59 5.33 -14.39
N ARG A 625 2.98 6.21 -13.60
CA ARG A 625 2.08 5.74 -12.54
C ARG A 625 0.99 4.86 -13.13
N HIS A 626 0.20 5.42 -14.05
CA HIS A 626 -0.96 4.72 -14.58
C HIS A 626 -0.59 3.57 -15.49
N VAL A 627 0.59 3.61 -16.10
CA VAL A 627 1.11 2.41 -16.78
C VAL A 627 1.31 1.28 -15.77
N ALA A 628 1.90 1.60 -14.62
CA ALA A 628 2.15 0.59 -13.61
C ALA A 628 0.86 0.11 -12.96
N ASN A 629 -0.12 1.00 -12.81
CA ASN A 629 -1.36 0.64 -12.13
C ASN A 629 -2.13 -0.45 -12.87
N THR A 630 -2.00 -0.51 -14.20
CA THR A 630 -2.69 -1.53 -14.99
C THR A 630 -1.81 -2.73 -15.31
N ILE A 631 -0.48 -2.57 -15.29
CA ILE A 631 0.41 -3.72 -15.27
C ILE A 631 0.28 -4.47 -13.95
N CYS A 632 -0.22 -3.80 -12.91
CA CYS A 632 -0.38 -4.35 -11.54
C CYS A 632 0.97 -4.52 -10.85
N LYS A 633 1.89 -3.59 -11.12
CA LYS A 633 3.15 -3.47 -10.40
C LYS A 633 3.11 -2.17 -9.61
N ALA A 634 3.19 -2.27 -8.28
CA ALA A 634 3.07 -1.09 -7.44
C ALA A 634 4.23 -0.12 -7.58
N ASP A 635 5.31 -0.52 -8.25
CA ASP A 635 6.49 0.32 -8.42
C ASP A 635 6.51 0.83 -9.86
N ALA A 636 6.33 2.15 -10.02
CA ALA A 636 6.30 2.77 -11.33
C ALA A 636 7.64 3.31 -11.77
N GLU A 637 8.60 3.45 -10.86
CA GLU A 637 9.89 4.05 -11.19
C GLU A 637 10.79 3.12 -12.01
N ASN A 638 10.37 1.88 -12.23
CA ASN A 638 11.10 0.96 -13.10
C ASN A 638 10.75 1.13 -14.58
N LEU A 639 10.23 2.30 -14.95
CA LEU A 639 9.74 2.54 -16.31
C LEU A 639 10.37 3.78 -16.93
N ILE A 640 10.69 4.78 -16.12
CA ILE A 640 11.29 6.01 -16.65
C ILE A 640 12.72 5.75 -17.04
N TYR A 641 13.11 6.25 -18.22
CA TYR A 641 14.51 6.33 -18.61
C TYR A 641 14.73 7.65 -19.33
N THR A 642 15.94 8.19 -19.22
CA THR A 642 16.32 9.40 -19.92
C THR A 642 17.41 9.09 -20.93
N ALA A 643 17.29 9.69 -22.12
CA ALA A 643 18.29 9.57 -23.17
C ALA A 643 18.23 10.82 -24.04
N ASP A 644 19.08 10.87 -25.07
CA ASP A 644 19.10 12.05 -25.94
C ASP A 644 19.45 11.83 -27.41
N PRO A 645 20.03 10.69 -27.83
CA PRO A 645 20.62 10.66 -29.19
C PRO A 645 19.61 10.57 -30.33
N GLU A 646 18.58 9.72 -30.24
CA GLU A 646 17.83 9.32 -31.43
C GLU A 646 16.96 10.42 -32.03
N SER A 647 16.34 11.27 -31.22
CA SER A 647 15.39 12.25 -31.72
C SER A 647 16.11 13.44 -32.34
N PHE A 648 15.47 14.02 -33.36
CA PHE A 648 15.98 15.22 -34.01
C PHE A 648 14.90 16.29 -34.00
N GLU A 649 15.33 17.54 -33.95
CA GLU A 649 14.44 18.71 -33.88
C GLU A 649 13.29 18.51 -32.91
#